data_5TEI
#
_entry.id   5TEI
#
_cell.length_a   108.818
_cell.length_b   108.818
_cell.length_c   82.954
_cell.angle_alpha   90.00
_cell.angle_beta   90.00
_cell.angle_gamma   90.00
#
_symmetry.space_group_name_H-M   'P 4 2 2'
#
loop_
_entity.id
_entity.type
_entity.pdbx_description
1 polymer 'Retinal dehydrogenase 1'
2 non-polymer '1,4-DIHYDRONICOTINAMIDE ADENINE DINUCLEOTIDE'
3 non-polymer 'YTTERBIUM (III) ION'
4 non-polymer 6-{[(3-fluorophenyl)methyl]sulfanyl}-5-(2-methylphenyl)-2,5-dihydro-4H-pyrazolo[3,4-d]pyrimidin-4-one
5 non-polymer 'CHLORIDE ION'
6 water water
#
_entity_poly.entity_id   1
_entity_poly.type   'polypeptide(L)'
_entity_poly.pdbx_seq_one_letter_code
;MSSSGTPDLPVLLTDLKIQYTKIFINNEWHDSVSGKKFPVFNPATEEELCQVEEGDKEDVDKAVKAARQAFQIGSPWRTM
DASERGRLLYKLADLIERDRLLLATMESMNGGKLYSNAYLSDLAGCIKTLRYCAGWADKIQGRTIPIDGNFFTYTRHEPI
GVCGQIIPWNFPLVMLIWKIGPALSCGNTVVVKPAEQTPLTALHVASLIKEAGFPPGVVNIVPGYGPTAGAAISSHMDID
KVAFTGSTEVGKLIKEAAGKSNLKRVTLELGGKSPCIVLADADLDNAVEFAHHGVFYHQGQCCIAASRIFVEESIYDEFV
RRSVERAKKYILGNPLTPGVTQGPQIDKEQYDKILDLIESGKKEGAKLECGGGPWGNKGYFVQPTVFSNVTDEMRIAKEE
IFGPVQQIMKFKSLDDVIKRANNTFYGLSAGVFTKDIDKAITISSALQAGTVWVNCYGVVSAQCPFGGFKMSGNGRELGE
YGFHEYTEVKTVTVKISQKNS
;
_entity_poly.pdbx_strand_id   A
#
# COMPACT_ATOMS: atom_id res chain seq x y z
N LEU A 9 11.86 -5.36 -22.02
CA LEU A 9 10.92 -6.06 -21.10
C LEU A 9 11.02 -7.57 -21.30
N PRO A 10 11.89 -8.24 -20.53
CA PRO A 10 12.12 -9.67 -20.75
C PRO A 10 11.06 -10.50 -20.08
N VAL A 11 10.98 -11.79 -20.40
CA VAL A 11 9.95 -12.62 -19.83
C VAL A 11 10.55 -13.91 -19.31
N LEU A 12 9.77 -14.63 -18.52
CA LEU A 12 10.11 -15.96 -18.10
C LEU A 12 10.08 -16.81 -19.35
N LEU A 13 11.15 -17.53 -19.64
CA LEU A 13 11.15 -18.42 -20.82
C LEU A 13 10.94 -19.88 -20.40
N THR A 14 9.95 -20.07 -19.53
CA THR A 14 9.67 -21.32 -18.84
C THR A 14 8.35 -21.11 -18.05
N ASP A 15 7.41 -22.05 -18.11
CA ASP A 15 6.15 -21.87 -17.39
C ASP A 15 6.30 -21.76 -15.89
N LEU A 16 5.46 -20.93 -15.28
CA LEU A 16 5.60 -20.68 -13.85
C LEU A 16 5.14 -21.91 -13.05
N LYS A 17 6.03 -22.47 -12.26
CA LYS A 17 5.64 -23.60 -11.43
C LYS A 17 5.50 -23.04 -10.02
N ILE A 18 4.32 -23.15 -9.43
CA ILE A 18 4.12 -22.73 -8.06
C ILE A 18 4.68 -23.74 -7.06
N GLN A 19 5.43 -23.25 -6.09
CA GLN A 19 6.16 -24.10 -5.20
C GLN A 19 5.85 -23.79 -3.74
N TYR A 20 5.77 -22.51 -3.38
CA TYR A 20 5.67 -22.16 -1.99
C TYR A 20 4.21 -21.84 -1.65
N THR A 21 3.59 -22.76 -0.88
CA THR A 21 2.18 -22.69 -0.55
C THR A 21 1.88 -22.94 0.96
N LYS A 22 2.89 -22.88 1.81
CA LYS A 22 2.70 -23.12 3.23
C LYS A 22 2.87 -21.89 4.10
N ILE A 23 2.52 -22.11 5.36
CA ILE A 23 2.73 -21.13 6.39
C ILE A 23 4.20 -21.14 6.76
N PHE A 24 4.78 -19.93 6.81
CA PHE A 24 6.21 -19.70 7.07
C PHE A 24 6.44 -19.23 8.52
N ILE A 25 7.02 -20.08 9.37
CA ILE A 25 7.24 -19.72 10.78
C ILE A 25 8.57 -20.30 11.20
N ASN A 26 9.41 -19.46 11.81
CA ASN A 26 10.75 -19.85 12.26
C ASN A 26 11.59 -20.40 11.07
N ASN A 27 11.45 -19.75 9.91
CA ASN A 27 12.13 -20.19 8.68
C ASN A 27 11.80 -21.63 8.25
N GLU A 28 10.62 -22.12 8.58
CA GLU A 28 10.19 -23.38 8.04
C GLU A 28 8.73 -23.39 7.60
N TRP A 29 8.41 -24.36 6.73
CA TRP A 29 7.11 -24.42 6.15
C TRP A 29 6.19 -25.28 6.98
N HIS A 30 4.99 -24.79 7.32
CA HIS A 30 4.11 -25.50 8.26
C HIS A 30 2.77 -25.68 7.60
N ASP A 31 2.12 -26.81 7.89
CA ASP A 31 0.73 -26.98 7.51
C ASP A 31 -0.10 -26.14 8.47
N SER A 32 -1.33 -25.89 8.08
CA SER A 32 -2.25 -25.24 8.98
C SER A 32 -2.51 -26.20 10.13
N VAL A 33 -2.73 -25.67 11.31
CA VAL A 33 -3.04 -26.49 12.49
C VAL A 33 -4.30 -27.31 12.20
N SER A 34 -5.31 -26.65 11.66
CA SER A 34 -6.58 -27.30 11.30
C SER A 34 -6.47 -28.32 10.15
N GLY A 35 -5.43 -28.20 9.33
CA GLY A 35 -5.21 -29.06 8.18
C GLY A 35 -5.87 -28.44 6.96
N LYS A 36 -6.67 -27.41 7.17
CA LYS A 36 -7.35 -26.74 6.08
C LYS A 36 -6.42 -25.99 5.15
N LYS A 37 -6.91 -25.85 3.91
CA LYS A 37 -6.26 -25.18 2.80
C LYS A 37 -7.36 -24.35 2.15
N PHE A 38 -7.01 -23.27 1.48
CA PHE A 38 -7.96 -22.54 0.67
C PHE A 38 -7.43 -22.33 -0.74
N PRO A 39 -8.35 -22.18 -1.71
CA PRO A 39 -7.98 -21.89 -3.10
C PRO A 39 -7.43 -20.50 -3.39
N VAL A 40 -6.55 -20.40 -4.37
CA VAL A 40 -6.12 -19.12 -4.88
C VAL A 40 -6.36 -19.11 -6.38
N PHE A 41 -6.91 -18.02 -6.89
CA PHE A 41 -7.42 -17.95 -8.26
C PHE A 41 -6.62 -16.94 -9.07
N ASN A 42 -6.69 -17.08 -10.41
CA ASN A 42 -6.23 -16.05 -11.36
C ASN A 42 -7.41 -15.14 -11.77
N PRO A 43 -7.38 -13.84 -11.43
CA PRO A 43 -8.55 -12.95 -11.73
C PRO A 43 -8.94 -12.76 -13.21
N ALA A 44 -7.98 -13.00 -14.11
CA ALA A 44 -8.16 -12.92 -15.57
C ALA A 44 -8.91 -14.10 -16.20
N THR A 45 -8.78 -15.28 -15.61
CA THR A 45 -9.47 -16.45 -16.13
C THR A 45 -10.49 -17.06 -15.16
N GLU A 46 -10.37 -16.76 -13.86
CA GLU A 46 -11.31 -17.24 -12.82
C GLU A 46 -11.06 -18.69 -12.46
N GLU A 47 -9.89 -19.18 -12.84
CA GLU A 47 -9.48 -20.53 -12.55
C GLU A 47 -8.53 -20.56 -11.33
N GLU A 48 -8.73 -21.59 -10.50
CA GLU A 48 -7.86 -21.90 -9.40
C GLU A 48 -6.43 -22.09 -9.90
N LEU A 49 -5.47 -21.52 -9.17
CA LEU A 49 -4.03 -21.64 -9.45
C LEU A 49 -3.41 -22.72 -8.58
N CYS A 50 -3.79 -22.73 -7.29
CA CYS A 50 -3.35 -23.72 -6.34
C CYS A 50 -4.16 -23.59 -5.07
N GLN A 51 -3.85 -24.45 -4.13
CA GLN A 51 -4.37 -24.48 -2.77
C GLN A 51 -3.28 -23.97 -1.86
N VAL A 52 -3.64 -23.26 -0.78
CA VAL A 52 -2.67 -22.71 0.17
C VAL A 52 -3.13 -22.99 1.60
N GLU A 53 -2.18 -23.28 2.49
CA GLU A 53 -2.52 -23.59 3.87
C GLU A 53 -3.27 -22.42 4.50
N GLU A 54 -4.41 -22.70 5.07
CA GLU A 54 -5.19 -21.66 5.69
C GLU A 54 -4.78 -21.42 7.13
N GLY A 55 -4.12 -20.29 7.36
CA GLY A 55 -3.82 -19.88 8.72
C GLY A 55 -5.04 -19.33 9.41
N ASP A 56 -5.09 -19.55 10.72
CA ASP A 56 -6.18 -19.07 11.58
C ASP A 56 -5.55 -18.71 12.94
N LYS A 57 -6.39 -18.35 13.91
CA LYS A 57 -5.94 -18.03 15.27
C LYS A 57 -4.69 -18.83 15.71
N GLU A 58 -4.79 -20.15 15.60
CA GLU A 58 -3.82 -21.05 16.23
C GLU A 58 -2.46 -20.88 15.55
N ASP A 59 -2.50 -20.71 14.24
CA ASP A 59 -1.32 -20.49 13.48
C ASP A 59 -0.74 -19.12 13.80
N VAL A 60 -1.60 -18.11 13.93
CA VAL A 60 -1.10 -16.78 14.30
C VAL A 60 -0.38 -16.86 15.67
N ASP A 61 -0.91 -17.66 16.60
CA ASP A 61 -0.30 -17.83 17.91
C ASP A 61 1.10 -18.41 17.79
N LYS A 62 1.28 -19.32 16.83
CA LYS A 62 2.62 -19.94 16.60
C LYS A 62 3.59 -18.92 16.04
N ALA A 63 3.09 -18.08 15.14
CA ALA A 63 3.96 -17.10 14.55
C ALA A 63 4.36 -16.04 15.57
N VAL A 64 3.44 -15.69 16.45
CA VAL A 64 3.71 -14.68 17.46
C VAL A 64 4.69 -15.17 18.52
N LYS A 65 4.54 -16.42 18.95
CA LYS A 65 5.56 -17.04 19.79
C LYS A 65 6.93 -17.04 19.16
N ALA A 66 7.02 -17.41 17.89
CA ALA A 66 8.31 -17.34 17.13
C ALA A 66 8.93 -15.93 17.05
N ALA A 67 8.08 -14.96 16.74
CA ALA A 67 8.50 -13.57 16.65
C ALA A 67 8.88 -13.00 18.03
N ARG A 68 8.17 -13.40 19.09
CA ARG A 68 8.52 -12.94 20.43
C ARG A 68 9.89 -13.49 20.77
N GLN A 69 10.05 -14.77 20.50
CA GLN A 69 11.27 -15.43 20.86
C GLN A 69 12.43 -14.80 20.11
N ALA A 70 12.25 -14.50 18.83
CA ALA A 70 13.32 -13.87 18.06
C ALA A 70 13.63 -12.44 18.53
N PHE A 71 12.71 -11.81 19.23
CA PHE A 71 12.91 -10.46 19.70
C PHE A 71 13.55 -10.44 21.10
N GLN A 72 13.78 -11.59 21.72
CA GLN A 72 14.23 -11.57 23.11
C GLN A 72 15.60 -10.94 23.23
N ILE A 73 15.82 -10.29 24.36
CA ILE A 73 17.12 -9.72 24.69
C ILE A 73 18.15 -10.84 24.62
N GLY A 74 19.26 -10.62 23.93
CA GLY A 74 20.28 -11.62 23.82
C GLY A 74 20.19 -12.50 22.57
N SER A 75 19.11 -12.42 21.80
CA SER A 75 18.97 -13.19 20.57
C SER A 75 19.83 -12.61 19.46
N PRO A 76 20.04 -13.42 18.42
CA PRO A 76 20.84 -12.97 17.30
C PRO A 76 20.32 -11.68 16.64
N TRP A 77 19.00 -11.55 16.47
CA TRP A 77 18.39 -10.36 15.88
C TRP A 77 18.48 -9.09 16.73
N ARG A 78 18.46 -9.23 18.04
CA ARG A 78 18.71 -8.10 18.90
C ARG A 78 20.20 -7.72 19.04
N THR A 79 21.11 -8.68 18.96
CA THR A 79 22.53 -8.37 19.32
C THR A 79 23.40 -8.11 18.07
N MET A 80 22.94 -8.55 16.91
CA MET A 80 23.74 -8.30 15.71
C MET A 80 23.85 -6.80 15.44
N ASP A 81 24.92 -6.43 14.77
CA ASP A 81 25.11 -5.07 14.38
C ASP A 81 23.90 -4.59 13.58
N ALA A 82 23.52 -3.35 13.83
CA ALA A 82 22.58 -2.66 12.97
C ALA A 82 22.97 -2.75 11.52
N SER A 83 24.25 -2.52 11.23
CA SER A 83 24.73 -2.62 9.83
C SER A 83 24.51 -3.98 9.21
N GLU A 84 24.38 -5.00 10.04
CA GLU A 84 24.19 -6.36 9.56
C GLU A 84 22.68 -6.62 9.28
N ARG A 85 21.80 -6.07 10.08
CA ARG A 85 20.41 -5.97 9.64
C ARG A 85 20.36 -5.37 8.26
N GLY A 86 21.11 -4.32 8.01
CA GLY A 86 21.02 -3.59 6.73
C GLY A 86 21.53 -4.48 5.63
N ARG A 87 22.62 -5.15 5.95
CA ARG A 87 23.24 -6.11 5.04
C ARG A 87 22.29 -7.21 4.62
N LEU A 88 21.50 -7.70 5.54
CA LEU A 88 20.52 -8.71 5.19
C LEU A 88 19.41 -8.15 4.28
N LEU A 89 19.02 -6.91 4.53
CA LEU A 89 18.01 -6.30 3.67
C LEU A 89 18.53 -6.08 2.26
N TYR A 90 19.78 -5.64 2.15
N TYR A 90 19.77 -5.60 2.17
CA TYR A 90 20.37 -5.43 0.82
CA TYR A 90 20.41 -5.42 0.86
C TYR A 90 20.53 -6.75 0.09
C TYR A 90 20.41 -6.76 0.14
N LYS A 91 20.82 -7.83 0.83
CA LYS A 91 20.90 -9.15 0.24
C LYS A 91 19.53 -9.65 -0.26
N LEU A 92 18.50 -9.45 0.54
CA LEU A 92 17.14 -9.78 0.09
C LEU A 92 16.78 -9.06 -1.16
N ALA A 93 17.13 -7.79 -1.22
CA ALA A 93 16.86 -7.03 -2.43
C ALA A 93 17.56 -7.68 -3.66
N ASP A 94 18.82 -8.09 -3.50
CA ASP A 94 19.55 -8.73 -4.58
C ASP A 94 18.90 -10.04 -4.96
N LEU A 95 18.32 -10.76 -3.99
CA LEU A 95 17.64 -11.99 -4.30
C LEU A 95 16.38 -11.73 -5.09
N ILE A 96 15.64 -10.70 -4.69
CA ILE A 96 14.45 -10.34 -5.40
C ILE A 96 14.80 -9.88 -6.80
N GLU A 97 15.92 -9.17 -6.95
CA GLU A 97 16.37 -8.79 -8.26
C GLU A 97 16.69 -10.06 -9.07
N ARG A 98 17.33 -11.04 -8.42
CA ARG A 98 17.61 -12.32 -9.08
C ARG A 98 16.34 -13.01 -9.61
N ASP A 99 15.30 -13.10 -8.78
CA ASP A 99 14.06 -13.78 -9.18
C ASP A 99 13.01 -12.81 -9.71
N ARG A 100 13.43 -11.77 -10.40
CA ARG A 100 12.51 -10.71 -10.79
C ARG A 100 11.52 -11.16 -11.85
N LEU A 101 12.02 -11.90 -12.82
CA LEU A 101 11.16 -12.42 -13.87
C LEU A 101 10.04 -13.26 -13.25
N LEU A 102 10.46 -14.24 -12.46
CA LEU A 102 9.57 -15.13 -11.78
C LEU A 102 8.56 -14.38 -10.89
N LEU A 103 9.04 -13.41 -10.14
CA LEU A 103 8.18 -12.75 -9.17
C LEU A 103 7.15 -11.88 -9.87
N ALA A 104 7.56 -11.24 -10.97
CA ALA A 104 6.75 -10.32 -11.67
C ALA A 104 5.61 -11.11 -12.37
N THR A 105 5.93 -12.33 -12.75
CA THR A 105 5.03 -13.19 -13.47
C THR A 105 4.02 -13.70 -12.45
N MET A 106 4.51 -14.09 -11.28
CA MET A 106 3.62 -14.57 -10.23
C MET A 106 2.69 -13.44 -9.82
N GLU A 107 3.24 -12.24 -9.64
CA GLU A 107 2.43 -11.11 -9.23
C GLU A 107 1.28 -10.86 -10.24
N SER A 108 1.64 -10.84 -11.53
CA SER A 108 0.72 -10.56 -12.62
C SER A 108 -0.37 -11.62 -12.66
N MET A 109 0.03 -12.89 -12.78
CA MET A 109 -0.93 -14.00 -12.80
C MET A 109 -1.90 -14.08 -11.59
N ASN A 110 -1.40 -13.92 -10.36
CA ASN A 110 -2.25 -13.97 -9.18
C ASN A 110 -2.98 -12.64 -8.94
N GLY A 111 -2.34 -11.52 -9.30
CA GLY A 111 -2.88 -10.19 -8.95
C GLY A 111 -3.72 -9.49 -10.00
N GLY A 112 -3.79 -10.07 -11.19
CA GLY A 112 -4.43 -9.46 -12.33
C GLY A 112 -3.77 -8.16 -12.73
N LYS A 113 -2.44 -8.14 -12.60
CA LYS A 113 -1.67 -6.94 -12.70
C LYS A 113 -0.94 -7.02 -14.00
N LEU A 114 -1.00 -5.96 -14.81
CA LEU A 114 -0.26 -5.88 -16.07
C LEU A 114 1.20 -6.27 -15.82
N TYR A 115 1.69 -7.25 -16.58
CA TYR A 115 3.05 -7.71 -16.46
C TYR A 115 4.10 -6.61 -16.67
N SER A 116 3.91 -5.70 -17.62
CA SER A 116 4.95 -4.68 -17.85
C SER A 116 5.09 -3.75 -16.67
N ASN A 117 3.99 -3.39 -16.04
CA ASN A 117 4.04 -2.69 -14.77
C ASN A 117 4.61 -3.52 -13.59
N ALA A 118 4.13 -4.75 -13.44
CA ALA A 118 4.64 -5.69 -12.46
C ALA A 118 6.16 -5.76 -12.52
N TYR A 119 6.71 -5.93 -13.70
CA TYR A 119 8.13 -5.99 -13.88
C TYR A 119 8.83 -4.64 -13.70
N LEU A 120 8.40 -3.64 -14.44
CA LEU A 120 9.14 -2.37 -14.52
C LEU A 120 8.88 -1.45 -13.34
N SER A 121 7.81 -1.71 -12.61
CA SER A 121 7.45 -0.76 -11.60
C SER A 121 7.29 -1.43 -10.23
N ASP A 122 6.39 -2.39 -10.06
CA ASP A 122 6.25 -3.04 -8.77
C ASP A 122 7.59 -3.70 -8.33
N LEU A 123 8.19 -4.48 -9.21
CA LEU A 123 9.41 -5.18 -8.86
C LEU A 123 10.53 -4.20 -8.57
N ALA A 124 10.71 -3.23 -9.47
CA ALA A 124 11.60 -2.10 -9.21
C ALA A 124 11.39 -1.35 -7.90
N GLY A 125 10.14 -1.06 -7.57
CA GLY A 125 9.86 -0.40 -6.30
C GLY A 125 10.21 -1.25 -5.09
N CYS A 126 9.92 -2.54 -5.16
CA CYS A 126 10.35 -3.47 -4.11
C CYS A 126 11.85 -3.40 -3.87
N ILE A 127 12.60 -3.55 -4.95
CA ILE A 127 14.02 -3.57 -4.89
C ILE A 127 14.58 -2.30 -4.36
N LYS A 128 14.13 -1.19 -4.94
CA LYS A 128 14.60 0.10 -4.53
C LYS A 128 14.24 0.44 -3.08
N THR A 129 13.03 0.05 -2.66
CA THR A 129 12.60 0.34 -1.27
C THR A 129 13.37 -0.48 -0.26
N LEU A 130 13.61 -1.76 -0.56
CA LEU A 130 14.47 -2.56 0.29
C LEU A 130 15.83 -1.92 0.40
N ARG A 131 16.40 -1.51 -0.72
CA ARG A 131 17.71 -0.88 -0.62
C ARG A 131 17.71 0.37 0.23
N TYR A 132 16.64 1.16 0.09
CA TYR A 132 16.50 2.39 0.85
C TYR A 132 16.50 2.05 2.33
N CYS A 133 15.63 1.15 2.71
CA CYS A 133 15.47 0.74 4.09
C CYS A 133 16.73 0.09 4.65
N ALA A 134 17.43 -0.71 3.84
CA ALA A 134 18.74 -1.25 4.26
C ALA A 134 19.68 -0.12 4.73
N GLY A 135 19.72 1.01 4.00
CA GLY A 135 20.60 2.09 4.33
C GLY A 135 20.30 2.77 5.65
N TRP A 136 19.04 2.74 6.07
CA TRP A 136 18.69 3.34 7.36
C TRP A 136 19.12 2.56 8.58
N ALA A 137 19.45 1.26 8.45
CA ALA A 137 19.52 0.41 9.63
C ALA A 137 20.47 0.90 10.72
N ASP A 138 21.66 1.30 10.33
CA ASP A 138 22.66 1.75 11.27
C ASP A 138 22.70 3.29 11.35
N LYS A 139 21.65 3.95 10.89
CA LYS A 139 21.57 5.38 10.99
C LYS A 139 20.36 5.77 11.80
N ILE A 140 19.74 4.83 12.47
CA ILE A 140 18.68 5.09 13.44
C ILE A 140 19.39 5.45 14.75
N GLN A 141 19.20 6.69 15.19
CA GLN A 141 19.97 7.27 16.28
C GLN A 141 19.05 7.85 17.28
N GLY A 142 19.42 7.75 18.54
CA GLY A 142 18.74 8.54 19.58
C GLY A 142 19.39 9.87 19.85
N ARG A 143 19.27 10.39 21.09
CA ARG A 143 19.77 11.72 21.41
C ARG A 143 20.46 11.69 22.75
N THR A 144 21.36 12.64 22.96
CA THR A 144 21.82 13.04 24.28
C THR A 144 21.21 14.43 24.51
N ILE A 145 20.72 14.63 25.73
CA ILE A 145 19.82 15.72 26.05
C ILE A 145 20.30 16.45 27.27
N PRO A 146 20.44 17.78 27.17
CA PRO A 146 20.90 18.68 28.21
C PRO A 146 19.79 19.04 29.22
N ILE A 147 19.26 17.97 29.82
CA ILE A 147 18.22 18.01 30.83
C ILE A 147 18.59 18.93 32.00
N ASP A 148 17.62 19.57 32.60
CA ASP A 148 17.89 20.24 33.89
C ASP A 148 18.49 19.33 34.97
N GLY A 149 19.30 19.90 35.88
CA GLY A 149 19.90 19.16 36.98
C GLY A 149 21.16 18.34 36.61
N ASN A 150 21.76 17.73 37.62
CA ASN A 150 22.99 16.92 37.43
C ASN A 150 22.71 15.47 37.05
N PHE A 151 22.40 15.29 35.78
CA PHE A 151 22.07 14.01 35.21
C PHE A 151 22.66 13.93 33.79
N PHE A 152 22.94 12.71 33.38
CA PHE A 152 23.23 12.36 31.99
C PHE A 152 22.02 11.69 31.42
N THR A 153 21.47 12.23 30.33
CA THR A 153 20.24 11.68 29.74
C THR A 153 20.44 11.39 28.27
N TYR A 154 20.06 10.18 27.87
CA TYR A 154 20.13 9.80 26.50
C TYR A 154 18.88 9.07 26.16
N THR A 155 18.61 8.97 24.87
CA THR A 155 17.51 8.12 24.43
C THR A 155 18.00 7.05 23.50
N ARG A 156 17.33 5.90 23.59
CA ARG A 156 17.52 4.83 22.72
C ARG A 156 16.28 4.76 21.87
N HIS A 157 16.46 4.62 20.55
CA HIS A 157 15.32 4.40 19.66
C HIS A 157 15.31 2.95 19.35
N GLU A 158 14.67 2.21 20.24
CA GLU A 158 14.58 0.79 20.16
C GLU A 158 13.50 0.30 19.17
N PRO A 159 13.66 -0.94 18.71
CA PRO A 159 12.50 -1.53 18.10
C PRO A 159 11.33 -1.72 19.09
N ILE A 160 10.14 -1.79 18.55
CA ILE A 160 8.93 -1.90 19.36
C ILE A 160 8.81 -3.31 19.84
N GLY A 161 8.93 -4.25 18.92
CA GLY A 161 8.75 -5.66 19.28
C GLY A 161 8.05 -6.39 18.15
N VAL A 162 7.06 -7.21 18.50
CA VAL A 162 6.40 -7.99 17.50
C VAL A 162 5.35 -7.13 16.77
N CYS A 163 5.51 -6.99 15.45
CA CYS A 163 4.63 -6.18 14.64
C CYS A 163 3.78 -7.05 13.74
N GLY A 164 2.47 -6.93 13.87
CA GLY A 164 1.54 -7.63 13.00
C GLY A 164 1.24 -6.74 11.83
N GLN A 165 1.33 -7.28 10.64
CA GLN A 165 1.26 -6.48 9.43
C GLN A 165 0.26 -7.10 8.45
N ILE A 166 -0.85 -6.40 8.19
CA ILE A 166 -1.96 -6.89 7.32
C ILE A 166 -2.02 -6.09 6.01
N ILE A 167 -1.94 -6.84 4.92
CA ILE A 167 -1.56 -6.32 3.62
C ILE A 167 -2.73 -6.56 2.68
N PRO A 168 -2.97 -5.63 1.74
CA PRO A 168 -4.04 -5.82 0.76
C PRO A 168 -3.58 -6.53 -0.54
N TRP A 169 -4.51 -6.69 -1.46
CA TRP A 169 -4.31 -7.51 -2.67
C TRP A 169 -3.95 -6.66 -3.92
N ASN A 170 -3.99 -5.34 -3.80
CA ASN A 170 -3.71 -4.51 -4.95
C ASN A 170 -2.24 -4.38 -5.32
N PHE A 171 -1.38 -4.39 -4.33
CA PHE A 171 0.07 -4.28 -4.54
C PHE A 171 0.70 -5.26 -3.55
N PRO A 172 0.59 -6.56 -3.84
CA PRO A 172 0.95 -7.51 -2.79
C PRO A 172 2.43 -7.40 -2.37
N LEU A 173 3.29 -7.33 -3.36
CA LEU A 173 4.71 -7.29 -3.14
C LEU A 173 5.18 -5.96 -2.62
N VAL A 174 4.73 -4.88 -3.27
CA VAL A 174 5.14 -3.55 -2.83
C VAL A 174 4.74 -3.34 -1.36
N MET A 175 3.55 -3.77 -1.03
CA MET A 175 3.02 -3.54 0.32
C MET A 175 3.77 -4.41 1.30
N LEU A 176 4.16 -5.59 0.88
CA LEU A 176 4.96 -6.47 1.75
C LEU A 176 6.26 -5.79 2.10
N ILE A 177 6.93 -5.27 1.10
CA ILE A 177 8.21 -4.60 1.31
C ILE A 177 8.07 -3.29 2.03
N TRP A 178 7.00 -2.56 1.77
CA TRP A 178 6.72 -1.32 2.52
C TRP A 178 6.52 -1.58 4.00
N LYS A 179 5.94 -2.72 4.33
CA LYS A 179 5.79 -3.10 5.73
C LYS A 179 7.12 -3.65 6.29
N ILE A 180 7.71 -4.68 5.66
CA ILE A 180 8.83 -5.36 6.32
C ILE A 180 10.15 -4.59 6.29
N GLY A 181 10.37 -3.83 5.22
CA GLY A 181 11.57 -3.02 5.06
C GLY A 181 11.88 -2.17 6.29
N PRO A 182 11.01 -1.23 6.58
CA PRO A 182 11.11 -0.37 7.76
C PRO A 182 11.16 -1.13 9.09
N ALA A 183 10.25 -2.08 9.24
CA ALA A 183 10.11 -2.85 10.49
C ALA A 183 11.43 -3.56 10.85
N LEU A 184 11.97 -4.27 9.87
CA LEU A 184 13.22 -5.00 9.98
C LEU A 184 14.45 -4.09 10.09
N SER A 185 14.51 -3.01 9.32
CA SER A 185 15.63 -2.08 9.42
C SER A 185 15.76 -1.55 10.86
N CYS A 186 14.64 -1.26 11.50
CA CYS A 186 14.61 -0.79 12.86
C CYS A 186 14.79 -1.91 13.88
N GLY A 187 14.64 -3.16 13.47
CA GLY A 187 15.00 -4.24 14.36
C GLY A 187 13.86 -4.94 15.02
N ASN A 188 12.64 -4.74 14.48
CA ASN A 188 11.45 -5.48 14.88
C ASN A 188 11.39 -6.88 14.31
N THR A 189 10.49 -7.69 14.86
CA THR A 189 10.12 -8.95 14.24
C THR A 189 8.70 -8.82 13.76
N VAL A 190 8.34 -9.59 12.74
CA VAL A 190 7.04 -9.41 12.11
C VAL A 190 6.24 -10.68 11.84
N VAL A 191 4.91 -10.51 11.88
CA VAL A 191 3.93 -11.50 11.54
C VAL A 191 3.09 -10.90 10.49
N VAL A 192 3.24 -11.41 9.27
CA VAL A 192 2.62 -10.81 8.11
C VAL A 192 1.40 -11.59 7.66
N LYS A 193 0.25 -10.90 7.48
CA LYS A 193 -0.91 -11.57 6.91
C LYS A 193 -1.21 -11.07 5.49
N PRO A 194 -0.73 -11.76 4.47
CA PRO A 194 -1.06 -11.30 3.13
C PRO A 194 -2.57 -11.39 2.80
N ALA A 195 -2.99 -10.68 1.76
CA ALA A 195 -4.41 -10.75 1.33
C ALA A 195 -4.74 -12.19 0.91
N GLU A 196 -5.92 -12.69 1.30
CA GLU A 196 -6.33 -14.05 0.94
C GLU A 196 -6.33 -14.25 -0.60
N GLN A 197 -6.59 -13.19 -1.35
CA GLN A 197 -6.51 -13.25 -2.80
C GLN A 197 -5.07 -13.48 -3.33
N THR A 198 -4.07 -13.01 -2.57
CA THR A 198 -2.75 -12.84 -3.13
C THR A 198 -1.63 -13.24 -2.17
N PRO A 199 -1.66 -14.50 -1.68
CA PRO A 199 -0.59 -14.95 -0.82
C PRO A 199 0.72 -15.31 -1.52
N LEU A 200 0.73 -15.48 -2.83
CA LEU A 200 1.76 -16.31 -3.45
C LEU A 200 3.11 -15.64 -3.53
N THR A 201 3.15 -14.36 -3.88
CA THR A 201 4.43 -13.71 -3.98
C THR A 201 5.09 -13.58 -2.58
N ALA A 202 4.28 -13.35 -1.55
CA ALA A 202 4.81 -13.16 -0.22
C ALA A 202 5.56 -14.44 0.23
N LEU A 203 5.06 -15.61 -0.19
CA LEU A 203 5.67 -16.87 0.22
C LEU A 203 6.90 -17.14 -0.60
N HIS A 204 6.93 -16.72 -1.86
CA HIS A 204 8.19 -16.78 -2.54
C HIS A 204 9.25 -15.94 -1.83
N VAL A 205 8.89 -14.72 -1.49
CA VAL A 205 9.80 -13.83 -0.75
C VAL A 205 10.21 -14.48 0.59
N ALA A 206 9.29 -15.13 1.29
CA ALA A 206 9.65 -15.86 2.48
C ALA A 206 10.83 -16.85 2.22
N SER A 207 10.83 -17.55 1.09
CA SER A 207 11.94 -18.45 0.76
C SER A 207 13.22 -17.67 0.64
N LEU A 208 13.12 -16.43 0.14
CA LEU A 208 14.29 -15.63 -0.06
C LEU A 208 14.83 -15.05 1.25
N ILE A 209 13.94 -14.82 2.20
CA ILE A 209 14.33 -14.36 3.54
C ILE A 209 15.15 -15.44 4.21
N LYS A 210 14.66 -16.69 4.12
CA LYS A 210 15.44 -17.83 4.55
C LYS A 210 16.80 -17.92 3.86
N GLU A 211 16.83 -17.94 2.52
CA GLU A 211 18.11 -17.96 1.76
C GLU A 211 19.08 -16.82 2.10
N ALA A 212 18.55 -15.62 2.38
CA ALA A 212 19.37 -14.48 2.77
C ALA A 212 19.99 -14.68 4.13
N GLY A 213 19.40 -15.47 4.99
CA GLY A 213 20.01 -15.74 6.32
C GLY A 213 19.44 -14.96 7.48
N PHE A 214 18.20 -14.47 7.36
CA PHE A 214 17.57 -13.78 8.51
C PHE A 214 17.42 -14.83 9.57
N PRO A 215 17.64 -14.46 10.86
CA PRO A 215 17.42 -15.40 11.94
C PRO A 215 15.99 -15.93 11.92
N PRO A 216 15.82 -17.21 12.29
CA PRO A 216 14.47 -17.71 12.24
C PRO A 216 13.53 -16.93 13.15
N GLY A 217 12.29 -16.71 12.72
CA GLY A 217 11.33 -15.99 13.56
C GLY A 217 11.36 -14.47 13.42
N VAL A 218 12.32 -13.94 12.67
CA VAL A 218 12.33 -12.51 12.36
C VAL A 218 11.21 -12.12 11.41
N VAL A 219 10.99 -12.93 10.38
CA VAL A 219 9.81 -12.82 9.54
C VAL A 219 9.00 -14.13 9.49
N ASN A 220 7.71 -14.00 9.80
CA ASN A 220 6.75 -15.05 9.74
C ASN A 220 5.57 -14.62 8.86
N ILE A 221 5.10 -15.51 8.02
CA ILE A 221 4.04 -15.19 7.07
C ILE A 221 2.94 -16.22 7.21
N VAL A 222 1.75 -15.73 7.53
CA VAL A 222 0.60 -16.55 7.79
C VAL A 222 -0.44 -16.20 6.77
N PRO A 223 -0.49 -16.95 5.65
CA PRO A 223 -1.62 -16.68 4.73
C PRO A 223 -2.92 -17.12 5.35
N GLY A 224 -4.00 -16.48 4.92
CA GLY A 224 -5.33 -16.72 5.47
C GLY A 224 -6.32 -15.59 5.30
N TYR A 225 -7.48 -15.74 5.95
CA TYR A 225 -8.61 -14.78 5.84
C TYR A 225 -8.59 -13.68 6.90
N GLY A 226 -9.40 -12.64 6.66
CA GLY A 226 -9.35 -11.41 7.42
C GLY A 226 -9.97 -11.55 8.79
N PRO A 227 -11.24 -12.04 8.85
CA PRO A 227 -11.93 -12.24 10.14
C PRO A 227 -11.37 -13.37 10.99
N THR A 228 -10.48 -14.15 10.40
CA THR A 228 -9.84 -15.27 11.05
C THR A 228 -8.44 -14.87 11.46
N ALA A 229 -7.52 -14.94 10.50
CA ALA A 229 -6.12 -14.65 10.80
C ALA A 229 -5.96 -13.16 11.12
N GLY A 230 -6.59 -12.29 10.33
CA GLY A 230 -6.49 -10.84 10.59
C GLY A 230 -7.01 -10.44 11.96
N ALA A 231 -8.18 -10.95 12.33
CA ALA A 231 -8.76 -10.56 13.63
C ALA A 231 -7.90 -11.08 14.77
N ALA A 232 -7.30 -12.24 14.55
CA ALA A 232 -6.43 -12.78 15.57
C ALA A 232 -5.20 -11.89 15.83
N ILE A 233 -4.68 -11.25 14.79
CA ILE A 233 -3.52 -10.34 14.92
C ILE A 233 -3.99 -9.09 15.63
N SER A 234 -5.09 -8.50 15.19
CA SER A 234 -5.51 -7.25 15.77
C SER A 234 -5.87 -7.38 17.24
N SER A 235 -6.36 -8.54 17.63
CA SER A 235 -6.77 -8.76 19.00
C SER A 235 -5.72 -9.44 19.87
N HIS A 236 -4.49 -9.63 19.36
CA HIS A 236 -3.53 -10.50 20.04
C HIS A 236 -2.83 -9.73 21.18
N MET A 237 -2.77 -10.37 22.34
CA MET A 237 -2.24 -9.75 23.54
C MET A 237 -0.72 -9.67 23.60
N ASP A 238 -0.01 -10.33 22.68
CA ASP A 238 1.44 -10.23 22.68
C ASP A 238 2.02 -9.66 21.40
N ILE A 239 1.20 -8.92 20.67
CA ILE A 239 1.63 -8.22 19.48
C ILE A 239 1.67 -6.76 19.88
N ASP A 240 2.84 -6.14 19.70
CA ASP A 240 3.08 -4.79 20.17
C ASP A 240 2.52 -3.70 19.25
N LYS A 241 2.34 -4.06 17.97
CA LYS A 241 1.94 -3.10 16.99
C LYS A 241 1.33 -3.77 15.77
N VAL A 242 0.27 -3.20 15.25
CA VAL A 242 -0.31 -3.67 14.00
C VAL A 242 -0.28 -2.53 12.96
N ALA A 243 0.17 -2.85 11.77
CA ALA A 243 0.08 -1.96 10.61
C ALA A 243 -0.81 -2.63 9.59
N PHE A 244 -1.59 -1.79 8.91
CA PHE A 244 -2.66 -2.20 8.02
C PHE A 244 -2.85 -1.26 6.87
N THR A 245 -2.98 -1.83 5.68
CA THR A 245 -3.51 -1.08 4.53
C THR A 245 -4.74 -1.81 3.97
N GLY A 246 -5.82 -1.06 3.70
CA GLY A 246 -7.06 -1.68 3.23
C GLY A 246 -8.27 -0.79 3.37
N SER A 247 -9.43 -1.39 3.64
CA SER A 247 -10.70 -0.68 3.75
C SER A 247 -10.83 0.08 5.05
N THR A 248 -11.63 1.14 4.99
CA THR A 248 -12.00 1.92 6.17
C THR A 248 -12.74 1.06 7.21
N GLU A 249 -13.62 0.22 6.71
CA GLU A 249 -14.39 -0.70 7.53
C GLU A 249 -13.46 -1.48 8.44
N VAL A 250 -12.50 -2.17 7.82
CA VAL A 250 -11.58 -3.04 8.57
C VAL A 250 -10.68 -2.20 9.49
N GLY A 251 -10.25 -1.05 8.98
CA GLY A 251 -9.46 -0.12 9.77
C GLY A 251 -10.11 0.15 11.12
N LYS A 252 -11.41 0.41 11.10
CA LYS A 252 -12.16 0.62 12.33
C LYS A 252 -12.13 -0.59 13.22
N LEU A 253 -12.30 -1.75 12.60
CA LEU A 253 -12.27 -2.97 13.36
C LEU A 253 -10.91 -3.22 13.97
N ILE A 254 -9.83 -2.90 13.27
CA ILE A 254 -8.47 -3.18 13.81
C ILE A 254 -8.29 -2.28 15.06
N LYS A 255 -8.63 -1.01 14.92
CA LYS A 255 -8.38 -0.03 15.96
C LYS A 255 -9.11 -0.36 17.28
N GLU A 256 -10.29 -0.94 17.14
CA GLU A 256 -11.19 -1.20 18.25
C GLU A 256 -10.76 -2.51 18.94
N ALA A 257 -10.53 -3.55 18.15
CA ALA A 257 -9.86 -4.77 18.58
C ALA A 257 -8.56 -4.51 19.38
N ALA A 258 -7.79 -3.53 18.92
CA ALA A 258 -6.55 -3.16 19.56
C ALA A 258 -6.83 -2.45 20.89
N GLY A 259 -7.80 -1.55 20.87
CA GLY A 259 -8.23 -0.88 22.10
C GLY A 259 -8.71 -1.88 23.15
N LYS A 260 -9.50 -2.88 22.75
CA LYS A 260 -10.03 -3.86 23.72
C LYS A 260 -9.02 -4.86 24.24
N SER A 261 -7.93 -5.08 23.50
CA SER A 261 -7.10 -6.23 23.80
C SER A 261 -5.94 -5.70 24.63
N ASN A 262 -4.90 -5.18 23.99
CA ASN A 262 -3.66 -4.78 24.68
C ASN A 262 -3.14 -3.39 24.32
N LEU A 263 -4.04 -2.58 23.76
CA LEU A 263 -3.70 -1.23 23.37
C LEU A 263 -2.49 -1.12 22.50
N LYS A 264 -2.29 -2.09 21.63
CA LYS A 264 -1.17 -2.09 20.71
C LYS A 264 -1.10 -0.82 19.82
N ARG A 265 0.10 -0.42 19.45
CA ARG A 265 0.19 0.70 18.53
C ARG A 265 -0.47 0.33 17.20
N VAL A 266 -1.25 1.25 16.64
CA VAL A 266 -1.90 1.00 15.36
C VAL A 266 -1.51 2.06 14.33
N THR A 267 -1.21 1.63 13.12
CA THR A 267 -1.17 2.57 11.99
C THR A 267 -1.88 1.98 10.80
N LEU A 268 -2.48 2.88 10.05
CA LEU A 268 -3.49 2.55 9.06
C LEU A 268 -3.30 3.41 7.81
N GLU A 269 -3.52 2.81 6.65
CA GLU A 269 -3.65 3.52 5.40
C GLU A 269 -4.90 2.92 4.73
N LEU A 270 -5.84 3.80 4.41
CA LEU A 270 -7.22 3.40 4.19
C LEU A 270 -7.86 3.93 2.92
N GLY A 271 -7.06 4.23 1.92
CA GLY A 271 -7.59 4.74 0.67
C GLY A 271 -8.09 6.18 0.75
N GLY A 272 -8.80 6.59 -0.28
CA GLY A 272 -9.10 8.00 -0.46
C GLY A 272 -10.18 8.29 -1.49
N LYS A 273 -10.41 9.57 -1.64
CA LYS A 273 -11.19 10.06 -2.74
C LYS A 273 -10.45 11.28 -3.17
N SER A 274 -9.27 11.05 -3.74
CA SER A 274 -8.31 12.15 -3.93
C SER A 274 -8.63 13.07 -5.12
N PRO A 275 -8.62 14.38 -4.87
CA PRO A 275 -8.93 15.40 -5.83
C PRO A 275 -7.74 16.02 -6.53
N CYS A 276 -7.95 16.38 -7.79
CA CYS A 276 -7.06 17.23 -8.56
C CYS A 276 -7.78 18.54 -8.83
N ILE A 277 -7.06 19.64 -8.79
CA ILE A 277 -7.58 20.95 -9.10
C ILE A 277 -6.76 21.44 -10.25
N VAL A 278 -7.45 21.63 -11.38
CA VAL A 278 -6.78 22.06 -12.62
C VAL A 278 -7.15 23.50 -12.96
N LEU A 279 -6.19 24.42 -12.88
CA LEU A 279 -6.43 25.84 -13.14
C LEU A 279 -6.33 26.16 -14.60
N ALA A 280 -6.95 27.25 -15.02
CA ALA A 280 -6.97 27.65 -16.44
C ALA A 280 -5.58 27.73 -17.01
N ASP A 281 -4.62 28.14 -16.19
CA ASP A 281 -3.28 28.36 -16.72
C ASP A 281 -2.48 27.07 -16.79
N ALA A 282 -3.11 25.94 -16.54
CA ALA A 282 -2.33 24.70 -16.47
C ALA A 282 -1.83 24.23 -17.84
N ASP A 283 -0.67 23.56 -17.88
CA ASP A 283 -0.32 22.83 -19.12
C ASP A 283 -1.38 21.75 -19.25
N LEU A 284 -2.24 21.87 -20.26
CA LEU A 284 -3.46 21.06 -20.34
C LEU A 284 -3.22 19.58 -20.61
N ASP A 285 -2.40 19.33 -21.62
CA ASP A 285 -1.98 17.99 -21.97
C ASP A 285 -1.28 17.27 -20.80
N ASN A 286 -0.31 17.94 -20.21
CA ASN A 286 0.33 17.38 -19.02
C ASN A 286 -0.72 17.02 -17.95
N ALA A 287 -1.66 17.93 -17.66
CA ALA A 287 -2.70 17.72 -16.63
C ALA A 287 -3.64 16.57 -16.97
N VAL A 288 -4.02 16.49 -18.25
CA VAL A 288 -4.91 15.43 -18.70
C VAL A 288 -4.23 14.07 -18.57
N GLU A 289 -2.95 14.03 -18.89
CA GLU A 289 -2.22 12.77 -18.88
C GLU A 289 -2.05 12.24 -17.47
N PHE A 290 -1.64 13.10 -16.57
CA PHE A 290 -1.34 12.65 -15.21
C PHE A 290 -2.64 12.34 -14.48
N ALA A 291 -3.61 13.19 -14.65
CA ALA A 291 -4.91 12.92 -14.06
C ALA A 291 -5.50 11.62 -14.57
N HIS A 292 -5.37 11.38 -15.86
CA HIS A 292 -5.81 10.12 -16.44
C HIS A 292 -5.06 8.92 -15.84
N HIS A 293 -3.74 8.92 -15.91
CA HIS A 293 -3.00 7.84 -15.25
C HIS A 293 -3.33 7.79 -13.76
N GLY A 294 -3.55 8.93 -13.14
CA GLY A 294 -3.82 8.98 -11.71
C GLY A 294 -5.07 8.26 -11.26
N VAL A 295 -6.06 8.14 -12.16
CA VAL A 295 -7.30 7.41 -11.84
C VAL A 295 -7.32 5.98 -12.39
N PHE A 296 -6.71 5.74 -13.55
CA PHE A 296 -6.80 4.42 -14.20
C PHE A 296 -5.72 3.44 -13.82
N TYR A 297 -4.72 3.91 -13.08
CA TYR A 297 -3.59 3.06 -12.88
C TYR A 297 -4.03 1.77 -12.16
N HIS A 298 -3.45 0.65 -12.62
CA HIS A 298 -3.86 -0.65 -12.12
C HIS A 298 -5.40 -0.84 -11.99
N GLN A 299 -6.14 -0.55 -13.08
CA GLN A 299 -7.58 -0.75 -13.07
C GLN A 299 -8.29 0.05 -11.95
N GLY A 300 -7.71 1.20 -11.59
CA GLY A 300 -8.29 2.06 -10.57
C GLY A 300 -8.07 1.57 -9.17
N GLN A 301 -7.19 0.60 -8.98
CA GLN A 301 -7.17 -0.11 -7.73
C GLN A 301 -6.00 0.45 -6.89
N CYS A 302 -5.96 1.78 -6.80
CA CYS A 302 -4.90 2.48 -6.06
C CYS A 302 -5.57 3.32 -5.02
N CYS A 303 -4.99 3.30 -3.82
CA CYS A 303 -5.41 4.11 -2.74
C CYS A 303 -5.43 5.60 -3.13
N ILE A 304 -4.48 6.01 -3.97
CA ILE A 304 -4.33 7.40 -4.32
C ILE A 304 -5.11 7.82 -5.59
N ALA A 305 -5.93 6.92 -6.15
CA ALA A 305 -6.64 7.20 -7.39
C ALA A 305 -7.28 8.62 -7.36
N ALA A 306 -6.99 9.42 -8.41
CA ALA A 306 -7.47 10.80 -8.58
C ALA A 306 -8.94 10.81 -9.03
N SER A 307 -9.81 10.53 -8.07
CA SER A 307 -11.18 10.12 -8.34
C SER A 307 -12.15 11.28 -8.37
N ARG A 308 -11.64 12.49 -8.16
CA ARG A 308 -12.39 13.72 -8.39
C ARG A 308 -11.46 14.74 -9.06
N ILE A 309 -11.77 15.10 -10.29
CA ILE A 309 -10.96 16.06 -11.03
C ILE A 309 -11.78 17.32 -11.32
N PHE A 310 -11.42 18.42 -10.65
CA PHE A 310 -12.10 19.72 -10.76
C PHE A 310 -11.31 20.55 -11.76
N VAL A 311 -11.95 20.99 -12.85
CA VAL A 311 -11.28 21.73 -13.93
C VAL A 311 -11.96 23.10 -14.11
N GLU A 312 -11.18 24.18 -14.26
CA GLU A 312 -11.72 25.53 -14.36
C GLU A 312 -12.63 25.56 -15.57
N GLU A 313 -13.80 26.17 -15.45
CA GLU A 313 -14.75 26.23 -16.56
C GLU A 313 -14.17 26.50 -17.94
N SER A 314 -13.26 27.46 -18.08
CA SER A 314 -12.88 27.90 -19.41
C SER A 314 -12.12 26.82 -20.18
N ILE A 315 -11.57 25.82 -19.47
CA ILE A 315 -10.90 24.73 -20.17
C ILE A 315 -11.54 23.37 -19.87
N TYR A 316 -12.70 23.37 -19.22
CA TYR A 316 -13.38 22.13 -18.78
C TYR A 316 -13.79 21.17 -19.94
N ASP A 317 -14.43 21.75 -20.96
CA ASP A 317 -14.85 21.00 -22.16
C ASP A 317 -13.68 20.40 -22.91
N GLU A 318 -12.63 21.17 -23.05
CA GLU A 318 -11.40 20.64 -23.64
C GLU A 318 -10.82 19.51 -22.77
N PHE A 319 -10.82 19.75 -21.46
CA PHE A 319 -10.20 18.78 -20.58
C PHE A 319 -10.96 17.48 -20.68
N VAL A 320 -12.29 17.57 -20.69
CA VAL A 320 -13.17 16.41 -20.79
C VAL A 320 -12.91 15.71 -22.12
N ARG A 321 -12.99 16.45 -23.21
CA ARG A 321 -12.82 15.83 -24.52
C ARG A 321 -11.50 15.05 -24.62
N ARG A 322 -10.39 15.66 -24.23
CA ARG A 322 -9.10 14.98 -24.31
C ARG A 322 -9.02 13.76 -23.41
N SER A 323 -9.70 13.82 -22.28
CA SER A 323 -9.66 12.74 -21.31
C SER A 323 -10.37 11.52 -21.86
N VAL A 324 -11.53 11.75 -22.48
CA VAL A 324 -12.30 10.66 -23.13
C VAL A 324 -11.46 9.99 -24.23
N GLU A 325 -10.90 10.82 -25.11
CA GLU A 325 -9.98 10.38 -26.16
C GLU A 325 -8.96 9.41 -25.55
N ARG A 326 -8.38 9.81 -24.43
CA ARG A 326 -7.30 9.04 -23.84
C ARG A 326 -7.82 7.70 -23.30
N ALA A 327 -9.00 7.73 -22.68
CA ALA A 327 -9.59 6.55 -22.05
C ALA A 327 -10.06 5.55 -23.07
N LYS A 328 -10.29 6.02 -24.29
CA LYS A 328 -10.76 5.14 -25.34
C LYS A 328 -9.69 4.35 -26.02
N LYS A 329 -8.45 4.44 -25.57
CA LYS A 329 -7.38 3.67 -26.24
C LYS A 329 -7.02 2.31 -25.62
N TYR A 330 -7.70 1.89 -24.56
CA TYR A 330 -7.24 0.72 -23.84
C TYR A 330 -7.58 -0.58 -24.52
N ILE A 331 -6.71 -1.56 -24.34
CA ILE A 331 -6.94 -2.92 -24.78
C ILE A 331 -7.03 -3.78 -23.56
N LEU A 332 -8.16 -4.45 -23.40
CA LEU A 332 -8.39 -5.27 -22.23
C LEU A 332 -7.96 -6.68 -22.56
N GLY A 333 -7.50 -7.42 -21.57
CA GLY A 333 -7.14 -8.80 -21.82
C GLY A 333 -6.24 -9.37 -20.75
N ASN A 334 -5.59 -10.48 -21.08
CA ASN A 334 -4.73 -11.15 -20.12
C ASN A 334 -3.54 -10.25 -19.76
N PRO A 335 -3.37 -9.94 -18.45
CA PRO A 335 -2.28 -9.02 -18.02
C PRO A 335 -0.85 -9.49 -18.48
N LEU A 336 -0.69 -10.79 -18.70
CA LEU A 336 0.51 -11.39 -19.27
C LEU A 336 0.75 -11.17 -20.78
N THR A 337 -0.26 -10.84 -21.56
CA THR A 337 -0.04 -10.75 -23.01
C THR A 337 0.50 -9.37 -23.45
N PRO A 338 1.65 -9.32 -24.15
CA PRO A 338 2.20 -7.96 -24.42
C PRO A 338 1.20 -7.11 -25.19
N GLY A 339 1.29 -5.80 -25.04
CA GLY A 339 0.30 -4.89 -25.73
C GLY A 339 -1.06 -4.74 -25.03
N VAL A 340 -1.42 -5.70 -24.18
CA VAL A 340 -2.56 -5.56 -23.24
C VAL A 340 -2.29 -4.42 -22.27
N THR A 341 -3.25 -3.48 -22.15
CA THR A 341 -3.08 -2.27 -21.40
C THR A 341 -4.10 -2.12 -20.26
N GLN A 342 -4.98 -3.09 -20.08
CA GLN A 342 -5.87 -3.12 -18.94
C GLN A 342 -6.28 -4.55 -18.57
N GLY A 343 -5.85 -4.99 -17.38
CA GLY A 343 -6.26 -6.24 -16.74
C GLY A 343 -7.64 -6.22 -16.12
N PRO A 344 -8.04 -7.33 -15.47
CA PRO A 344 -9.29 -7.43 -14.74
C PRO A 344 -9.22 -6.75 -13.31
N GLN A 345 -10.36 -6.62 -12.68
CA GLN A 345 -10.44 -6.32 -11.26
C GLN A 345 -10.10 -7.56 -10.45
N ILE A 346 -9.76 -7.38 -9.18
CA ILE A 346 -9.18 -8.46 -8.39
C ILE A 346 -10.17 -9.60 -8.20
N ASP A 347 -11.44 -9.30 -7.97
CA ASP A 347 -12.38 -10.35 -7.62
C ASP A 347 -13.85 -9.93 -7.75
N LYS A 348 -14.75 -10.83 -7.39
CA LYS A 348 -16.20 -10.63 -7.54
C LYS A 348 -16.71 -9.45 -6.74
N GLU A 349 -16.30 -9.38 -5.48
CA GLU A 349 -16.78 -8.35 -4.59
C GLU A 349 -16.41 -6.99 -5.17
N GLN A 350 -15.15 -6.81 -5.54
CA GLN A 350 -14.74 -5.50 -6.10
C GLN A 350 -15.45 -5.24 -7.39
N TYR A 351 -15.68 -6.30 -8.14
CA TYR A 351 -16.31 -6.16 -9.43
C TYR A 351 -17.71 -5.68 -9.17
N ASP A 352 -18.43 -6.32 -8.24
CA ASP A 352 -19.85 -5.96 -8.09
C ASP A 352 -19.92 -4.53 -7.60
N LYS A 353 -19.04 -4.18 -6.64
CA LYS A 353 -19.00 -2.84 -6.09
C LYS A 353 -18.82 -1.75 -7.18
N ILE A 354 -17.93 -1.99 -8.13
CA ILE A 354 -17.68 -1.06 -9.24
C ILE A 354 -18.89 -0.87 -10.16
N LEU A 355 -19.53 -2.00 -10.53
CA LEU A 355 -20.71 -1.97 -11.41
C LEU A 355 -21.84 -1.24 -10.74
N ASP A 356 -22.06 -1.56 -9.46
CA ASP A 356 -23.08 -0.90 -8.66
C ASP A 356 -22.87 0.59 -8.63
N LEU A 357 -21.65 1.02 -8.38
CA LEU A 357 -21.39 2.48 -8.36
C LEU A 357 -21.52 3.15 -9.74
N ILE A 358 -21.05 2.46 -10.78
CA ILE A 358 -21.28 2.94 -12.15
C ILE A 358 -22.77 3.15 -12.34
N GLU A 359 -23.59 2.16 -11.97
CA GLU A 359 -25.05 2.30 -12.05
C GLU A 359 -25.59 3.50 -11.33
N SER A 360 -25.04 3.81 -10.16
CA SER A 360 -25.47 4.99 -9.42
C SER A 360 -25.18 6.32 -10.15
N GLY A 361 -24.06 6.38 -10.85
CA GLY A 361 -23.67 7.56 -11.61
C GLY A 361 -24.67 7.84 -12.71
N LYS A 362 -25.07 6.78 -13.40
CA LYS A 362 -26.08 6.92 -14.42
C LYS A 362 -27.39 7.46 -13.82
N LYS A 363 -27.95 6.70 -12.87
CA LYS A 363 -29.18 7.05 -12.16
C LYS A 363 -29.11 8.44 -11.58
N GLU A 364 -28.00 8.83 -10.96
CA GLU A 364 -27.96 10.15 -10.34
C GLU A 364 -27.78 11.30 -11.32
N GLY A 365 -27.63 10.98 -12.59
CA GLY A 365 -27.68 12.02 -13.60
C GLY A 365 -26.36 12.64 -13.95
N ALA A 366 -25.28 11.86 -13.78
CA ALA A 366 -23.96 12.20 -14.30
C ALA A 366 -23.90 11.88 -15.77
N LYS A 367 -23.05 12.56 -16.50
CA LYS A 367 -22.95 12.32 -17.93
C LYS A 367 -21.88 11.26 -18.31
N LEU A 368 -22.34 10.19 -18.94
CA LEU A 368 -21.49 9.09 -19.35
C LEU A 368 -20.79 9.41 -20.64
N GLU A 369 -19.48 9.41 -20.63
CA GLU A 369 -18.74 9.74 -21.85
C GLU A 369 -18.26 8.50 -22.58
N CYS A 370 -17.96 7.46 -21.86
CA CYS A 370 -17.47 6.24 -22.47
C CYS A 370 -17.52 5.15 -21.41
N GLY A 371 -17.41 3.89 -21.84
CA GLY A 371 -17.53 2.75 -20.93
C GLY A 371 -18.92 2.56 -20.31
N GLY A 372 -18.99 2.12 -19.05
CA GLY A 372 -20.28 2.00 -18.33
C GLY A 372 -20.76 0.57 -18.05
N GLY A 373 -20.00 -0.43 -18.48
CA GLY A 373 -20.39 -1.82 -18.31
C GLY A 373 -19.22 -2.79 -18.26
N PRO A 374 -19.54 -4.07 -18.08
CA PRO A 374 -18.49 -5.10 -18.02
C PRO A 374 -17.92 -5.43 -19.39
N TRP A 375 -16.93 -6.32 -19.43
CA TRP A 375 -16.35 -6.77 -20.69
C TRP A 375 -15.90 -8.22 -20.60
N GLY A 376 -16.18 -8.99 -21.66
CA GLY A 376 -15.61 -10.33 -21.83
C GLY A 376 -16.48 -11.43 -21.27
N ASN A 377 -16.04 -12.67 -21.47
CA ASN A 377 -16.75 -13.89 -21.03
C ASN A 377 -16.21 -14.47 -19.74
N LYS A 378 -15.01 -14.06 -19.38
CA LYS A 378 -14.45 -14.39 -18.09
C LYS A 378 -13.45 -13.31 -17.70
N GLY A 379 -13.10 -13.34 -16.44
CA GLY A 379 -12.26 -12.35 -15.86
C GLY A 379 -13.22 -11.32 -15.28
N TYR A 380 -12.75 -10.55 -14.30
CA TYR A 380 -13.57 -9.52 -13.68
C TYR A 380 -13.21 -8.16 -14.33
N PHE A 381 -13.39 -8.10 -15.65
CA PHE A 381 -13.13 -6.89 -16.46
C PHE A 381 -14.31 -5.92 -16.44
N VAL A 382 -13.96 -4.65 -16.44
CA VAL A 382 -14.88 -3.50 -16.40
C VAL A 382 -14.33 -2.53 -17.40
N GLN A 383 -15.20 -2.01 -18.27
CA GLN A 383 -14.79 -1.07 -19.29
C GLN A 383 -14.34 0.20 -18.58
N PRO A 384 -13.26 0.81 -19.08
CA PRO A 384 -12.84 2.10 -18.57
C PRO A 384 -13.92 3.11 -18.86
N THR A 385 -14.33 3.79 -17.80
CA THR A 385 -15.51 4.59 -17.83
C THR A 385 -15.20 6.03 -17.41
N VAL A 386 -15.74 7.01 -18.14
CA VAL A 386 -15.61 8.41 -17.72
C VAL A 386 -16.98 9.10 -17.47
N PHE A 387 -17.17 9.73 -16.29
CA PHE A 387 -18.30 10.65 -16.06
C PHE A 387 -17.85 12.10 -16.00
N SER A 388 -18.56 12.94 -16.77
CA SER A 388 -18.49 14.39 -16.68
C SER A 388 -19.76 14.95 -16.05
N ASN A 389 -19.75 16.24 -15.76
CA ASN A 389 -20.82 16.88 -14.97
C ASN A 389 -21.21 16.19 -13.68
N VAL A 390 -20.23 15.62 -13.01
CA VAL A 390 -20.48 14.99 -11.74
C VAL A 390 -20.62 16.07 -10.69
N THR A 391 -21.50 15.84 -9.71
CA THR A 391 -21.75 16.81 -8.65
C THR A 391 -21.46 16.17 -7.32
N ASP A 392 -21.29 16.99 -6.30
CA ASP A 392 -20.58 16.57 -5.08
C ASP A 392 -21.36 15.64 -4.18
N GLU A 393 -22.67 15.56 -4.37
CA GLU A 393 -23.49 14.65 -3.57
C GLU A 393 -23.74 13.30 -4.27
N MET A 394 -23.30 13.13 -5.52
CA MET A 394 -23.41 11.85 -6.18
C MET A 394 -22.51 10.84 -5.47
N ARG A 395 -22.97 9.60 -5.45
CA ARG A 395 -22.23 8.52 -4.84
C ARG A 395 -20.84 8.40 -5.45
N ILE A 396 -20.72 8.57 -6.77
CA ILE A 396 -19.44 8.42 -7.45
C ILE A 396 -18.44 9.54 -7.14
N ALA A 397 -18.94 10.66 -6.65
CA ALA A 397 -18.10 11.76 -6.18
C ALA A 397 -17.66 11.55 -4.72
N LYS A 398 -18.36 10.71 -3.99
CA LYS A 398 -18.16 10.61 -2.56
C LYS A 398 -17.43 9.30 -2.15
N GLU A 399 -17.77 8.19 -2.78
CA GLU A 399 -17.27 6.85 -2.36
C GLU A 399 -16.09 6.38 -3.17
N GLU A 400 -15.14 5.73 -2.50
CA GLU A 400 -14.03 5.20 -3.24
C GLU A 400 -14.55 4.04 -4.09
N ILE A 401 -14.35 4.16 -5.38
CA ILE A 401 -14.84 3.16 -6.32
C ILE A 401 -13.86 1.99 -6.44
N PHE A 402 -12.58 2.32 -6.55
CA PHE A 402 -11.49 1.36 -6.71
C PHE A 402 -11.64 0.56 -8.01
N GLY A 403 -12.07 1.26 -9.04
CA GLY A 403 -12.33 0.66 -10.35
C GLY A 403 -11.90 1.71 -11.34
N PRO A 404 -11.95 1.35 -12.64
CA PRO A 404 -11.50 2.30 -13.67
C PRO A 404 -12.63 3.25 -14.03
N VAL A 405 -12.88 4.16 -13.11
CA VAL A 405 -14.00 5.05 -13.20
C VAL A 405 -13.58 6.44 -12.81
N GLN A 406 -13.53 7.33 -13.81
CA GLN A 406 -13.03 8.68 -13.68
C GLN A 406 -14.19 9.64 -13.61
N GLN A 407 -14.11 10.57 -12.68
CA GLN A 407 -15.11 11.65 -12.44
C GLN A 407 -14.51 13.00 -12.81
N ILE A 408 -15.21 13.78 -13.61
CA ILE A 408 -14.73 15.11 -13.99
C ILE A 408 -15.83 16.13 -13.72
N MET A 409 -15.42 17.25 -13.12
CA MET A 409 -16.31 18.28 -12.57
C MET A 409 -15.73 19.61 -12.84
N LYS A 410 -16.60 20.59 -12.81
CA LYS A 410 -16.33 21.93 -13.25
C LYS A 410 -16.24 22.79 -11.99
N PHE A 411 -15.35 23.79 -11.99
CA PHE A 411 -15.46 24.88 -11.04
C PHE A 411 -15.15 26.18 -11.74
N LYS A 412 -15.57 27.29 -11.14
CA LYS A 412 -15.07 28.58 -11.53
C LYS A 412 -14.55 29.39 -10.34
N SER A 413 -14.93 29.03 -9.12
CA SER A 413 -14.44 29.76 -7.95
C SER A 413 -13.36 29.01 -7.19
N LEU A 414 -12.18 29.61 -7.11
CA LEU A 414 -11.07 28.91 -6.51
C LEU A 414 -11.24 28.62 -5.00
N ASP A 415 -11.71 29.60 -4.22
CA ASP A 415 -11.97 29.37 -2.79
C ASP A 415 -12.96 28.25 -2.64
N ASP A 416 -13.94 28.24 -3.54
CA ASP A 416 -15.00 27.25 -3.48
C ASP A 416 -14.47 25.80 -3.75
N VAL A 417 -13.61 25.66 -4.74
CA VAL A 417 -13.13 24.35 -5.13
C VAL A 417 -12.16 23.73 -4.09
N ILE A 418 -11.35 24.55 -3.44
CA ILE A 418 -10.53 24.08 -2.33
C ILE A 418 -11.41 23.48 -1.23
N LYS A 419 -12.48 24.21 -0.87
CA LYS A 419 -13.50 23.72 0.08
C LYS A 419 -14.22 22.44 -0.42
N ARG A 420 -14.59 22.38 -1.70
CA ARG A 420 -15.15 21.14 -2.22
C ARG A 420 -14.06 20.01 -2.12
N ALA A 421 -12.83 20.33 -2.47
CA ALA A 421 -11.77 19.31 -2.51
C ALA A 421 -11.57 18.77 -1.11
N ASN A 422 -11.68 19.63 -0.11
CA ASN A 422 -11.45 19.23 1.28
C ASN A 422 -12.66 18.65 1.94
N ASN A 423 -13.80 18.69 1.26
CA ASN A 423 -15.04 18.36 1.91
C ASN A 423 -15.28 16.87 1.79
N THR A 424 -14.51 16.09 2.55
CA THR A 424 -14.52 14.63 2.44
C THR A 424 -13.88 14.16 3.72
N PHE A 425 -14.28 13.00 4.21
CA PHE A 425 -13.60 12.47 5.39
C PHE A 425 -12.25 11.82 4.98
N TYR A 426 -12.01 11.63 3.70
CA TYR A 426 -10.71 11.19 3.22
C TYR A 426 -9.69 12.34 3.20
N GLY A 427 -8.45 11.97 2.88
CA GLY A 427 -7.38 12.93 2.71
C GLY A 427 -6.03 12.26 2.45
N LEU A 428 -5.96 11.34 1.50
CA LEU A 428 -4.71 10.63 1.23
C LEU A 428 -3.77 11.49 0.39
N SER A 429 -4.34 12.13 -0.64
CA SER A 429 -3.49 12.84 -1.57
C SER A 429 -4.29 13.80 -2.41
N ALA A 430 -3.59 14.66 -3.14
CA ALA A 430 -4.24 15.55 -4.10
C ALA A 430 -3.27 15.99 -5.18
N GLY A 431 -3.80 16.65 -6.19
CA GLY A 431 -3.00 17.13 -7.29
C GLY A 431 -3.44 18.55 -7.63
N VAL A 432 -2.47 19.40 -7.90
CA VAL A 432 -2.71 20.78 -8.28
C VAL A 432 -1.97 21.02 -9.60
N PHE A 433 -2.65 21.59 -10.61
CA PHE A 433 -2.05 21.83 -11.91
C PHE A 433 -2.19 23.30 -12.29
N THR A 434 -1.04 23.99 -12.33
CA THR A 434 -0.98 25.43 -12.56
C THR A 434 0.47 25.77 -12.91
N LYS A 435 0.69 26.95 -13.46
CA LYS A 435 2.03 27.46 -13.78
C LYS A 435 2.44 28.56 -12.82
N ASP A 436 1.52 28.93 -11.93
CA ASP A 436 1.73 30.08 -11.04
C ASP A 436 2.27 29.60 -9.71
N ILE A 437 3.39 30.18 -9.32
CA ILE A 437 4.14 29.79 -8.15
C ILE A 437 3.30 29.96 -6.91
N ASP A 438 2.72 31.14 -6.77
CA ASP A 438 1.97 31.45 -5.57
C ASP A 438 0.80 30.47 -5.41
N LYS A 439 0.13 30.18 -6.50
CA LYS A 439 -1.03 29.31 -6.43
C LYS A 439 -0.54 27.89 -6.10
N ALA A 440 0.63 27.51 -6.63
CA ALA A 440 1.12 26.14 -6.36
C ALA A 440 1.33 25.97 -4.84
N ILE A 441 1.98 26.94 -4.26
CA ILE A 441 2.31 26.88 -2.84
C ILE A 441 1.06 27.04 -1.95
N THR A 442 0.22 28.04 -2.24
CA THR A 442 -0.93 28.32 -1.34
C THR A 442 -2.00 27.24 -1.47
N ILE A 443 -2.25 26.76 -2.68
CA ILE A 443 -3.22 25.66 -2.78
C ILE A 443 -2.75 24.39 -2.09
N SER A 444 -1.53 24.01 -2.36
CA SER A 444 -1.02 22.78 -1.76
C SER A 444 -1.02 22.91 -0.22
N SER A 445 -0.69 24.08 0.31
CA SER A 445 -0.75 24.29 1.76
C SER A 445 -2.17 24.14 2.32
N ALA A 446 -3.16 24.52 1.54
CA ALA A 446 -4.53 24.55 2.00
C ALA A 446 -5.22 23.23 1.82
N LEU A 447 -4.68 22.35 0.96
CA LEU A 447 -5.35 21.05 0.79
C LEU A 447 -5.10 20.09 1.99
N GLN A 448 -6.16 19.47 2.48
CA GLN A 448 -6.01 18.58 3.61
C GLN A 448 -5.67 17.18 3.13
N ALA A 449 -4.42 16.98 2.73
CA ALA A 449 -4.00 15.71 2.15
C ALA A 449 -2.55 15.42 2.38
N GLY A 450 -2.22 14.14 2.46
CA GLY A 450 -0.94 13.71 2.97
C GLY A 450 0.16 13.88 1.96
N THR A 451 -0.13 13.54 0.74
CA THR A 451 0.72 13.98 -0.33
C THR A 451 -0.04 14.85 -1.32
N VAL A 452 0.56 15.99 -1.65
CA VAL A 452 0.04 16.84 -2.73
C VAL A 452 1.05 16.92 -3.87
N TRP A 453 0.68 16.47 -5.06
CA TRP A 453 1.50 16.62 -6.25
C TRP A 453 1.23 17.94 -7.02
N VAL A 454 2.26 18.57 -7.60
CA VAL A 454 2.02 19.78 -8.36
C VAL A 454 2.48 19.50 -9.78
N ASN A 455 1.57 19.68 -10.74
CA ASN A 455 1.87 19.41 -12.16
C ASN A 455 2.35 17.95 -12.44
N CYS A 456 1.99 17.05 -11.51
CA CYS A 456 2.20 15.61 -11.69
C CYS A 456 1.18 14.91 -10.79
N TYR A 457 1.30 13.59 -10.67
CA TYR A 457 0.36 12.76 -9.92
C TYR A 457 0.91 11.35 -9.78
N GLY A 458 0.69 10.74 -8.62
CA GLY A 458 1.12 9.37 -8.44
C GLY A 458 2.63 9.17 -8.29
N VAL A 459 3.36 10.23 -7.97
CA VAL A 459 4.81 10.09 -7.79
C VAL A 459 5.14 9.74 -6.36
N VAL A 460 5.58 8.51 -6.19
CA VAL A 460 5.73 7.97 -4.87
C VAL A 460 7.10 7.32 -4.85
N SER A 461 7.88 7.57 -3.80
CA SER A 461 9.22 7.07 -3.77
C SER A 461 9.57 6.79 -2.32
N ALA A 462 10.56 5.91 -2.17
CA ALA A 462 11.04 5.44 -0.91
C ALA A 462 11.56 6.58 -0.03
N GLN A 463 12.03 7.64 -0.65
CA GLN A 463 12.55 8.77 0.11
C GLN A 463 11.48 9.67 0.81
N CYS A 464 10.22 9.52 0.43
CA CYS A 464 9.12 10.42 0.86
C CYS A 464 8.18 9.73 1.82
N PRO A 465 7.84 10.39 2.93
CA PRO A 465 6.89 9.73 3.78
C PRO A 465 5.52 9.76 3.10
N PHE A 466 4.70 8.76 3.40
CA PHE A 466 3.44 8.55 2.73
C PHE A 466 2.37 8.07 3.68
N GLY A 467 1.24 8.77 3.64
CA GLY A 467 0.07 8.45 4.47
C GLY A 467 -1.00 9.55 4.42
N GLY A 468 -2.09 9.31 5.15
CA GLY A 468 -3.29 10.08 5.11
C GLY A 468 -3.52 11.15 6.12
N PHE A 469 -4.30 12.14 5.69
CA PHE A 469 -4.98 13.01 6.65
C PHE A 469 -6.31 12.30 6.93
N LYS A 470 -6.91 12.67 8.04
CA LYS A 470 -8.28 12.31 8.40
C LYS A 470 -8.48 10.82 8.32
N MET A 471 -9.60 10.38 7.76
CA MET A 471 -9.96 8.97 7.72
C MET A 471 -9.22 8.24 6.60
N SER A 472 -8.24 8.87 5.93
CA SER A 472 -7.39 8.09 5.03
C SER A 472 -6.25 7.36 5.75
N GLY A 473 -6.13 7.57 7.05
CA GLY A 473 -5.14 6.86 7.84
C GLY A 473 -4.46 7.69 8.89
N ASN A 474 -3.56 7.03 9.58
CA ASN A 474 -2.75 7.68 10.56
C ASN A 474 -1.32 7.16 10.45
N GLY A 475 -0.39 8.01 10.83
CA GLY A 475 1.03 7.72 10.71
C GLY A 475 1.54 7.80 9.28
N ARG A 476 2.84 7.69 9.13
CA ARG A 476 3.46 7.75 7.80
C ARG A 476 4.33 6.54 7.58
N GLU A 477 4.39 6.12 6.32
CA GLU A 477 5.28 5.07 5.87
C GLU A 477 6.41 5.63 5.04
N LEU A 478 7.61 5.08 5.25
CA LEU A 478 8.75 5.37 4.40
C LEU A 478 9.35 6.75 4.65
N GLY A 479 10.42 7.10 3.93
CA GLY A 479 11.12 8.34 4.23
C GLY A 479 11.74 8.23 5.61
N GLU A 480 12.45 9.25 6.00
CA GLU A 480 12.95 9.31 7.35
C GLU A 480 11.79 9.17 8.36
N TYR A 481 10.69 9.89 8.08
CA TYR A 481 9.61 10.06 9.04
C TYR A 481 8.91 8.75 9.32
N GLY A 482 8.78 7.91 8.31
CA GLY A 482 8.14 6.66 8.48
C GLY A 482 8.84 5.78 9.49
N PHE A 483 10.15 5.89 9.54
CA PHE A 483 10.93 5.04 10.43
C PHE A 483 10.57 5.23 11.89
N HIS A 484 10.13 6.43 12.26
CA HIS A 484 9.68 6.71 13.62
C HIS A 484 8.59 5.82 14.14
N GLU A 485 7.68 5.40 13.26
CA GLU A 485 6.53 4.57 13.63
C GLU A 485 6.94 3.12 13.91
N TYR A 486 8.20 2.74 13.62
CA TYR A 486 8.70 1.37 13.96
C TYR A 486 9.74 1.36 15.10
N THR A 487 9.87 2.48 15.81
CA THR A 487 10.69 2.57 16.99
C THR A 487 9.88 2.89 18.27
N GLU A 488 10.41 2.48 19.40
CA GLU A 488 9.88 2.88 20.69
C GLU A 488 11.02 3.58 21.41
N VAL A 489 10.75 4.82 21.83
CA VAL A 489 11.77 5.63 22.50
C VAL A 489 11.86 5.39 23.99
N LYS A 490 13.06 5.10 24.46
CA LYS A 490 13.32 4.96 25.86
C LYS A 490 14.30 6.04 26.25
N THR A 491 13.95 6.71 27.36
CA THR A 491 14.75 7.75 27.93
C THR A 491 15.49 7.15 29.10
N VAL A 492 16.81 7.33 29.10
CA VAL A 492 17.62 6.87 30.17
C VAL A 492 18.35 8.06 30.82
N THR A 493 18.17 8.21 32.14
CA THR A 493 18.57 9.38 32.89
C THR A 493 19.39 8.88 34.09
N VAL A 494 20.68 9.22 34.07
CA VAL A 494 21.63 8.77 35.04
C VAL A 494 22.02 9.90 35.95
N LYS A 495 21.93 9.67 37.26
CA LYS A 495 22.45 10.64 38.25
C LYS A 495 23.96 10.81 38.16
N ILE A 496 24.44 12.06 38.12
CA ILE A 496 25.88 12.24 38.12
C ILE A 496 26.26 13.29 39.14
N SER A 497 27.52 13.27 39.58
CA SER A 497 28.02 14.24 40.59
C SER A 497 27.90 15.67 40.08
N GLN A 498 28.28 15.90 38.86
CA GLN A 498 28.20 17.23 38.35
C GLN A 498 28.27 17.17 36.85
N LYS A 499 27.35 17.86 36.15
CA LYS A 499 27.39 17.87 34.69
C LYS A 499 28.16 19.08 34.21
N ASN A 500 28.62 19.01 32.97
CA ASN A 500 29.20 20.14 32.28
C ASN A 500 28.70 20.13 30.86
N SER A 501 28.52 21.31 30.27
CA SER A 501 28.00 21.42 28.94
C SER A 501 28.94 20.79 27.91
#